data_2FA8
#
_entry.id   2FA8
#
_cell.length_a   53.078
_cell.length_b   69.306
_cell.length_c   95.578
_cell.angle_alpha   90.00
_cell.angle_beta   90.00
_cell.angle_gamma   90.00
#
_symmetry.space_group_name_H-M   'P 21 21 21'
#
loop_
_entity.id
_entity.type
_entity.pdbx_description
1 polymer 'hypothetical protein Atu0228'
2 water water
#
_entity_poly.entity_id   1
_entity_poly.type   'polypeptide(L)'
_entity_poly.pdbx_seq_one_letter_code
;GH(MSE)TETKPRIAIRYCTQCNWLLRAGW(MSE)AQEILQTFASDIGEVSLIPSTGGLFEITVDGTIIWERKRDGGFPG
PKELKQRIRDLIDPERDLGHVDRTKHEGLDTGS
;
_entity_poly.pdbx_strand_id   A,B,C,D
#
# COMPACT_ATOMS: atom_id res chain seq x y z
N THR A 6 15.33 0.90 24.21
CA THR A 6 15.34 1.88 23.08
C THR A 6 15.46 1.16 21.74
N LYS A 7 14.34 0.97 21.04
CA LYS A 7 14.34 0.25 19.77
C LYS A 7 14.74 1.20 18.63
N PRO A 8 15.51 0.69 17.64
CA PRO A 8 15.99 1.51 16.50
C PRO A 8 14.88 2.23 15.73
N ARG A 9 15.21 3.40 15.21
CA ARG A 9 14.25 4.15 14.43
C ARG A 9 14.73 4.29 13.01
N ILE A 10 13.81 4.03 12.08
CA ILE A 10 14.15 4.01 10.68
C ILE A 10 13.47 5.20 10.02
N ALA A 11 14.21 5.90 9.15
CA ALA A 11 13.62 6.99 8.36
C ALA A 11 13.78 6.75 6.86
N ILE A 12 12.73 7.05 6.10
CA ILE A 12 12.80 7.02 4.65
C ILE A 12 12.49 8.43 4.12
N ARG A 13 13.52 9.10 3.61
CA ARG A 13 13.40 10.42 2.98
C ARG A 13 13.22 10.17 1.51
N TYR A 14 12.15 10.69 0.95
CA TYR A 14 11.82 10.42 -0.45
C TYR A 14 11.33 11.72 -1.11
N CYS A 15 11.65 11.83 -2.38
CA CYS A 15 11.28 12.98 -3.18
C CYS A 15 9.79 12.92 -3.55
N THR A 16 9.04 13.93 -3.13
CA THR A 16 7.60 13.89 -3.30
C THR A 16 7.24 14.10 -4.77
N GLN A 17 7.87 15.09 -5.41
CA GLN A 17 7.55 15.39 -6.79
C GLN A 17 8.07 14.39 -7.80
N CYS A 18 9.07 13.58 -7.39
CA CYS A 18 9.48 12.43 -8.19
C CYS A 18 8.49 11.27 -8.13
N ASN A 19 7.41 11.43 -7.36
CA ASN A 19 6.39 10.39 -7.14
C ASN A 19 6.97 9.11 -6.52
N TRP A 20 7.80 9.30 -5.52
CA TRP A 20 8.39 8.17 -4.83
C TRP A 20 7.65 7.81 -3.54
N LEU A 21 6.52 8.45 -3.25
CA LEU A 21 5.70 8.06 -2.09
C LEU A 21 5.31 6.57 -2.08
N LEU A 22 4.89 6.05 -3.25
CA LEU A 22 4.39 4.66 -3.28
C LEU A 22 5.46 3.66 -2.84
N ARG A 23 6.64 3.81 -3.43
CA ARG A 23 7.74 2.91 -3.14
C ARG A 23 8.24 3.14 -1.73
N ALA A 24 8.17 4.38 -1.23
CA ALA A 24 8.60 4.65 0.15
C ALA A 24 7.64 3.95 1.16
N GLY A 25 6.32 4.10 0.95
CA GLY A 25 5.27 3.44 1.75
C GLY A 25 5.35 1.91 1.70
N TRP A 26 5.59 1.35 0.52
CA TRP A 26 5.77 -0.11 0.35
C TRP A 26 6.97 -0.59 1.18
N MSE A 27 8.05 0.14 1.08
CA MSE A 27 9.27 -0.23 1.81
C MSE A 27 9.07 -0.14 3.30
O MSE A 27 9.55 -1.01 4.01
CB MSE A 27 10.46 0.62 1.39
CG MSE A 27 11.07 0.11 0.10
SE MSE A 27 12.42 1.33 -0.46
CE MSE A 27 12.21 1.05 -2.35
N ALA A 28 8.39 0.92 3.77
CA ALA A 28 8.00 1.03 5.19
C ALA A 28 7.22 -0.22 5.67
N GLN A 29 6.26 -0.67 4.85
CA GLN A 29 5.46 -1.82 5.19
C GLN A 29 6.24 -3.16 5.10
N GLU A 30 7.15 -3.28 4.15
CA GLU A 30 8.02 -4.46 4.08
C GLU A 30 8.87 -4.55 5.37
N ILE A 31 9.44 -3.41 5.76
CA ILE A 31 10.28 -3.32 6.97
C ILE A 31 9.46 -3.70 8.22
N LEU A 32 8.27 -3.10 8.34
CA LEU A 32 7.42 -3.36 9.54
C LEU A 32 6.91 -4.78 9.61
N GLN A 33 6.68 -5.39 8.44
CA GLN A 33 6.21 -6.77 8.40
C GLN A 33 7.30 -7.74 8.93
N THR A 34 8.55 -7.47 8.59
CA THR A 34 9.67 -8.33 8.97
C THR A 34 10.21 -8.05 10.39
N PHE A 35 10.20 -6.78 10.78
CA PHE A 35 10.88 -6.32 12.00
C PHE A 35 9.91 -5.69 13.02
N ALA A 36 8.64 -6.05 12.94
CA ALA A 36 7.59 -5.45 13.79
C ALA A 36 8.03 -5.26 15.27
N SER A 37 8.49 -6.32 15.91
CA SER A 37 8.77 -6.25 17.34
C SER A 37 10.14 -5.70 17.68
N ASP A 38 10.95 -5.40 16.66
CA ASP A 38 12.34 -5.04 16.86
C ASP A 38 12.65 -3.59 16.53
N ILE A 39 11.70 -2.88 15.92
CA ILE A 39 11.98 -1.49 15.60
C ILE A 39 10.94 -0.56 16.25
N GLY A 40 11.37 0.65 16.59
CA GLY A 40 10.55 1.60 17.31
C GLY A 40 9.57 2.24 16.36
N GLU A 41 10.03 2.61 15.17
CA GLU A 41 9.16 3.22 14.18
C GLU A 41 9.82 3.29 12.82
N VAL A 42 9.01 3.53 11.80
CA VAL A 42 9.50 3.90 10.50
C VAL A 42 8.85 5.23 10.17
N SER A 43 9.68 6.24 9.86
CA SER A 43 9.21 7.60 9.52
C SER A 43 9.32 7.82 8.03
N LEU A 44 8.23 8.28 7.45
CA LEU A 44 8.20 8.68 6.05
C LEU A 44 8.32 10.21 6.01
N ILE A 45 9.38 10.68 5.37
CA ILE A 45 9.74 12.09 5.42
C ILE A 45 9.75 12.67 4.01
N PRO A 46 8.69 13.43 3.67
CA PRO A 46 8.67 14.05 2.36
C PRO A 46 9.87 14.99 2.18
N SER A 47 10.49 14.86 1.02
CA SER A 47 11.71 15.55 0.70
C SER A 47 11.62 16.05 -0.73
N THR A 48 12.68 16.70 -1.17
CA THR A 48 12.74 17.29 -2.48
C THR A 48 14.03 16.93 -3.19
N GLY A 49 14.08 17.34 -4.45
CA GLY A 49 15.30 17.30 -5.25
C GLY A 49 15.90 15.92 -5.43
N GLY A 50 15.07 14.92 -5.73
CA GLY A 50 15.56 13.56 -6.03
C GLY A 50 16.17 12.78 -4.88
N LEU A 51 15.99 13.26 -3.64
CA LEU A 51 16.52 12.52 -2.49
C LEU A 51 15.76 11.21 -2.30
N PHE A 52 16.49 10.12 -2.16
CA PHE A 52 15.93 8.88 -1.60
C PHE A 52 17.00 8.29 -0.69
N GLU A 53 16.72 8.35 0.62
CA GLU A 53 17.66 7.92 1.62
C GLU A 53 16.96 7.17 2.75
N ILE A 54 17.55 6.04 3.18
CA ILE A 54 17.01 5.27 4.29
C ILE A 54 18.09 5.16 5.35
N THR A 55 17.71 5.56 6.56
CA THR A 55 18.62 5.56 7.69
C THR A 55 18.08 4.68 8.82
N VAL A 56 18.99 4.05 9.57
CA VAL A 56 18.64 3.37 10.81
C VAL A 56 19.41 4.08 11.91
N ASP A 57 18.68 4.72 12.82
CA ASP A 57 19.23 5.64 13.84
C ASP A 57 20.30 6.58 13.29
N GLY A 58 20.07 7.18 12.14
CA GLY A 58 21.05 8.09 11.55
C GLY A 58 22.09 7.51 10.61
N THR A 59 22.34 6.20 10.69
CA THR A 59 23.27 5.53 9.76
C THR A 59 22.56 5.23 8.44
N ILE A 60 23.13 5.72 7.35
CA ILE A 60 22.59 5.50 6.02
C ILE A 60 22.85 4.07 5.61
N ILE A 61 21.76 3.33 5.39
CA ILE A 61 21.83 1.99 4.83
C ILE A 61 21.49 2.00 3.34
N TRP A 62 20.91 3.10 2.88
CA TRP A 62 20.66 3.23 1.46
C TRP A 62 20.56 4.70 1.09
N GLU A 63 21.17 5.03 -0.04
CA GLU A 63 21.04 6.36 -0.62
C GLU A 63 21.18 6.23 -2.12
N ARG A 64 20.18 6.75 -2.83
CA ARG A 64 19.96 6.51 -4.22
C ARG A 64 21.23 6.68 -5.08
N LYS A 65 21.95 7.78 -4.89
CA LYS A 65 23.10 8.08 -5.76
C LYS A 65 24.24 7.09 -5.49
N ARG A 66 24.61 6.97 -4.22
CA ARG A 66 25.65 6.06 -3.74
C ARG A 66 25.36 4.60 -4.02
N ASP A 67 24.10 4.20 -3.88
CA ASP A 67 23.71 2.79 -4.01
C ASP A 67 23.15 2.39 -5.37
N GLY A 68 23.04 3.37 -6.26
CA GLY A 68 22.74 3.09 -7.66
C GLY A 68 21.30 2.78 -7.98
N GLY A 69 20.38 3.40 -7.24
CA GLY A 69 18.96 3.21 -7.48
C GLY A 69 18.21 3.01 -6.17
N PHE A 70 17.32 2.01 -6.19
CA PHE A 70 16.40 1.71 -5.09
C PHE A 70 16.59 0.24 -4.72
N PRO A 71 16.42 -0.08 -3.40
CA PRO A 71 16.62 -1.45 -2.97
C PRO A 71 15.45 -2.38 -3.31
N GLY A 72 15.80 -3.64 -3.55
CA GLY A 72 14.83 -4.73 -3.52
C GLY A 72 14.53 -5.09 -2.06
N PRO A 73 13.40 -5.78 -1.81
CA PRO A 73 13.02 -6.08 -0.41
C PRO A 73 14.06 -6.97 0.32
N LYS A 74 14.60 -7.98 -0.34
CA LYS A 74 15.61 -8.83 0.33
C LYS A 74 16.82 -8.01 0.80
N GLU A 75 17.39 -7.19 -0.08
N GLU A 75 17.40 -7.21 -0.09
CA GLU A 75 18.60 -6.43 0.26
CA GLU A 75 18.60 -6.43 0.26
C GLU A 75 18.37 -5.34 1.29
C GLU A 75 18.31 -5.44 1.37
N LEU A 76 17.17 -4.75 1.27
CA LEU A 76 16.73 -3.82 2.31
C LEU A 76 16.66 -4.52 3.69
N LYS A 77 15.99 -5.67 3.75
CA LYS A 77 15.83 -6.38 5.00
C LYS A 77 17.19 -6.79 5.60
N GLN A 78 18.08 -7.24 4.70
CA GLN A 78 19.43 -7.72 5.07
C GLN A 78 20.24 -6.61 5.67
N ARG A 79 20.21 -5.42 5.04
CA ARG A 79 20.97 -4.26 5.53
C ARG A 79 20.46 -3.77 6.88
N ILE A 80 19.14 -3.81 7.10
CA ILE A 80 18.55 -3.48 8.40
C ILE A 80 18.92 -4.54 9.45
N ARG A 81 18.73 -5.80 9.08
CA ARG A 81 19.11 -6.92 9.96
C ARG A 81 20.59 -6.78 10.38
N ASP A 82 21.48 -6.51 9.41
CA ASP A 82 22.92 -6.45 9.70
C ASP A 82 23.24 -5.44 10.80
N LEU A 83 22.41 -4.41 10.92
CA LEU A 83 22.58 -3.36 11.94
C LEU A 83 21.90 -3.63 13.26
N ILE A 84 20.67 -4.12 13.22
CA ILE A 84 19.89 -4.25 14.43
C ILE A 84 19.88 -5.66 15.04
N ASP A 85 20.23 -6.69 14.26
CA ASP A 85 20.14 -8.06 14.74
C ASP A 85 20.99 -8.99 13.83
N PRO A 86 22.34 -8.76 13.80
CA PRO A 86 23.15 -9.45 12.80
C PRO A 86 23.06 -10.99 12.84
N GLU A 87 22.73 -11.57 14.00
CA GLU A 87 22.65 -13.03 14.19
C GLU A 87 21.39 -13.66 13.63
N ARG A 88 20.41 -12.84 13.24
CA ARG A 88 19.15 -13.37 12.74
C ARG A 88 19.27 -13.87 11.30
N ASP A 89 18.86 -15.12 11.11
CA ASP A 89 18.74 -15.73 9.79
C ASP A 89 17.41 -15.30 9.20
N LEU A 90 17.43 -14.68 8.02
CA LEU A 90 16.20 -14.25 7.33
C LEU A 90 15.66 -15.33 6.39
N GLY A 91 16.36 -16.47 6.28
CA GLY A 91 16.04 -17.46 5.25
C GLY A 91 16.86 -17.18 4.01
N THR B 6 5.02 25.90 11.73
CA THR B 6 5.95 24.71 11.85
C THR B 6 5.27 23.43 11.35
N LYS B 7 5.92 22.72 10.43
CA LYS B 7 5.39 21.48 9.84
C LYS B 7 5.29 20.37 10.88
N PRO B 8 4.06 19.86 11.09
CA PRO B 8 3.79 18.88 12.13
C PRO B 8 4.38 17.51 11.85
N ARG B 9 4.71 16.80 12.94
CA ARG B 9 5.02 15.38 12.90
C ARG B 9 3.71 14.59 13.14
N ILE B 10 3.37 13.67 12.25
CA ILE B 10 2.21 12.85 12.49
C ILE B 10 2.66 11.43 12.94
N ALA B 11 1.99 10.84 13.93
CA ALA B 11 2.32 9.47 14.34
C ALA B 11 1.09 8.58 14.28
N ILE B 12 1.25 7.40 13.69
CA ILE B 12 0.17 6.43 13.68
C ILE B 12 0.68 5.22 14.48
N ARG B 13 0.11 5.02 15.66
CA ARG B 13 0.37 3.82 16.50
C ARG B 13 -0.66 2.77 16.17
N TYR B 14 -0.23 1.55 15.82
CA TYR B 14 -1.16 0.55 15.34
C TYR B 14 -0.72 -0.80 15.94
N CYS B 15 -1.69 -1.61 16.30
CA CYS B 15 -1.43 -2.94 16.86
C CYS B 15 -0.89 -3.94 15.81
N THR B 16 0.31 -4.44 16.03
CA THR B 16 0.97 -5.27 15.06
C THR B 16 0.20 -6.58 14.89
N GLN B 17 -0.17 -7.18 16.02
CA GLN B 17 -0.74 -8.52 15.97
C GLN B 17 -2.22 -8.53 15.57
N CYS B 18 -2.82 -7.34 15.55
CA CYS B 18 -4.20 -7.20 15.07
C CYS B 18 -4.28 -7.13 13.55
N ASN B 19 -3.15 -7.20 12.85
N ASN B 19 -3.13 -7.24 12.88
CA ASN B 19 -3.17 -7.12 11.39
CA ASN B 19 -2.96 -7.08 11.41
C ASN B 19 -3.60 -5.71 10.96
C ASN B 19 -3.46 -5.72 10.92
N TRP B 20 -3.13 -4.68 11.66
CA TRP B 20 -3.52 -3.31 11.33
C TRP B 20 -2.42 -2.52 10.60
N LEU B 21 -1.32 -3.20 10.23
CA LEU B 21 -0.25 -2.55 9.44
C LEU B 21 -0.77 -2.00 8.12
N LEU B 22 -1.58 -2.79 7.42
CA LEU B 22 -2.04 -2.46 6.09
C LEU B 22 -2.82 -1.12 6.09
N ARG B 23 -3.75 -1.00 7.03
CA ARG B 23 -4.56 0.21 7.17
C ARG B 23 -3.77 1.41 7.66
N ALA B 24 -2.80 1.17 8.55
CA ALA B 24 -1.91 2.23 9.04
C ALA B 24 -1.08 2.76 7.88
N GLY B 25 -0.50 1.84 7.09
CA GLY B 25 0.31 2.23 5.92
C GLY B 25 -0.52 3.00 4.88
N TRP B 26 -1.74 2.53 4.64
CA TRP B 26 -2.64 3.23 3.72
C TRP B 26 -2.94 4.66 4.19
N MSE B 27 -3.22 4.82 5.47
CA MSE B 27 -3.53 6.15 6.00
C MSE B 27 -2.34 7.06 5.90
O MSE B 27 -2.51 8.22 5.61
CB MSE B 27 -3.98 6.04 7.45
CG MSE B 27 -5.39 5.47 7.55
SE MSE B 27 -5.95 5.24 9.36
CE MSE B 27 -7.25 3.86 9.06
N ALA B 28 -1.13 6.55 6.22
CA ALA B 28 0.10 7.30 6.01
C ALA B 28 0.21 7.85 4.58
N GLN B 29 -0.08 6.99 3.62
CA GLN B 29 -0.06 7.39 2.20
C GLN B 29 -1.14 8.40 1.82
N GLU B 30 -2.35 8.21 2.34
CA GLU B 30 -3.41 9.20 2.13
C GLU B 30 -3.01 10.56 2.67
N ILE B 31 -2.44 10.57 3.88
CA ILE B 31 -1.95 11.80 4.49
C ILE B 31 -0.84 12.48 3.69
N LEU B 32 0.20 11.71 3.35
CA LEU B 32 1.30 12.29 2.58
C LEU B 32 0.95 12.73 1.16
N GLN B 33 0.00 12.03 0.53
CA GLN B 33 -0.47 12.36 -0.78
C GLN B 33 -1.18 13.73 -0.74
N THR B 34 -2.04 13.94 0.26
CA THR B 34 -2.75 15.21 0.39
C THR B 34 -1.89 16.37 0.84
N PHE B 35 -1.13 16.16 1.91
CA PHE B 35 -0.37 17.21 2.55
C PHE B 35 1.14 17.08 2.31
N ALA B 36 1.53 16.47 1.18
CA ALA B 36 2.95 16.38 0.78
C ALA B 36 3.92 17.34 1.51
N SER B 37 4.05 18.56 1.00
CA SER B 37 5.00 19.56 1.53
C SER B 37 4.77 19.89 3.00
N ASP B 38 3.49 20.07 3.36
CA ASP B 38 3.06 20.64 4.64
C ASP B 38 3.29 19.82 5.90
N ILE B 39 3.66 18.55 5.70
CA ILE B 39 3.86 17.57 6.78
C ILE B 39 5.36 17.37 6.95
N GLY B 40 5.83 17.37 8.19
CA GLY B 40 7.25 17.07 8.46
C GLY B 40 7.59 15.59 8.20
N GLU B 41 6.76 14.72 8.77
CA GLU B 41 6.88 13.26 8.64
C GLU B 41 5.61 12.60 9.13
N VAL B 42 5.41 11.35 8.69
CA VAL B 42 4.39 10.50 9.26
C VAL B 42 5.19 9.28 9.74
N SER B 43 5.06 8.95 11.01
CA SER B 43 5.76 7.79 11.59
C SER B 43 4.74 6.70 11.83
N LEU B 44 5.10 5.47 11.44
CA LEU B 44 4.30 4.28 11.75
C LEU B 44 4.99 3.59 12.93
N ILE B 45 4.24 3.39 14.00
CA ILE B 45 4.78 2.97 15.30
C ILE B 45 4.13 1.67 15.72
N PRO B 46 4.85 0.56 15.51
CA PRO B 46 4.21 -0.71 15.87
C PRO B 46 3.88 -0.74 17.37
N SER B 47 2.67 -1.20 17.71
CA SER B 47 2.17 -1.12 19.06
C SER B 47 1.48 -2.47 19.40
N THR B 48 0.92 -2.56 20.60
CA THR B 48 0.32 -3.81 21.05
C THR B 48 -1.06 -3.54 21.66
N GLY B 49 -1.78 -4.63 21.97
CA GLY B 49 -2.98 -4.53 22.79
C GLY B 49 -4.09 -3.68 22.21
N GLY B 50 -4.31 -3.82 20.90
CA GLY B 50 -5.49 -3.18 20.27
C GLY B 50 -5.39 -1.67 20.11
N LEU B 51 -4.21 -1.10 20.30
CA LEU B 51 -4.03 0.36 20.13
C LEU B 51 -4.15 0.76 18.64
N PHE B 52 -5.02 1.74 18.33
CA PHE B 52 -4.89 2.46 17.05
C PHE B 52 -5.08 3.94 17.38
N GLU B 53 -4.04 4.73 17.21
CA GLU B 53 -4.09 6.12 17.59
C GLU B 53 -3.28 6.99 16.64
N ILE B 54 -3.87 8.11 16.25
CA ILE B 54 -3.17 9.02 15.37
C ILE B 54 -3.04 10.36 16.08
N THR B 55 -1.82 10.86 16.11
CA THR B 55 -1.49 12.14 16.76
C THR B 55 -0.82 13.10 15.78
N VAL B 56 -1.06 14.40 15.98
CA VAL B 56 -0.40 15.45 15.22
C VAL B 56 0.36 16.31 16.25
N ASP B 57 1.68 16.31 16.14
CA ASP B 57 2.58 16.85 17.18
C ASP B 57 2.11 16.53 18.60
N GLY B 58 1.80 15.26 18.83
CA GLY B 58 1.36 14.80 20.15
C GLY B 58 -0.09 14.98 20.51
N THR B 59 -0.83 15.76 19.74
CA THR B 59 -2.25 15.93 19.95
C THR B 59 -3.02 14.82 19.25
N ILE B 60 -3.82 14.09 20.05
CA ILE B 60 -4.64 12.96 19.55
C ILE B 60 -5.78 13.44 18.67
N ILE B 61 -5.79 13.01 17.41
CA ILE B 61 -6.90 13.31 16.49
C ILE B 61 -7.77 12.09 16.18
N TRP B 62 -7.27 10.89 16.49
CA TRP B 62 -8.11 9.72 16.37
C TRP B 62 -7.63 8.71 17.36
N GLU B 63 -8.56 8.04 18.01
CA GLU B 63 -8.19 6.88 18.83
C GLU B 63 -9.36 5.92 18.77
N ARG B 64 -9.04 4.65 18.49
CA ARG B 64 -10.05 3.64 18.13
C ARG B 64 -11.25 3.61 19.10
N LYS B 65 -10.97 3.55 20.39
CA LYS B 65 -12.03 3.40 21.41
C LYS B 65 -12.87 4.69 21.50
N ARG B 66 -12.20 5.81 21.76
CA ARG B 66 -12.77 7.17 21.78
C ARG B 66 -13.67 7.44 20.56
N ASP B 67 -13.14 7.20 19.36
CA ASP B 67 -13.80 7.63 18.12
C ASP B 67 -14.62 6.55 17.43
N GLY B 68 -14.67 5.36 18.05
CA GLY B 68 -15.57 4.29 17.61
C GLY B 68 -15.15 3.47 16.39
N GLY B 69 -13.86 3.26 16.17
CA GLY B 69 -13.43 2.49 15.03
C GLY B 69 -12.24 3.10 14.33
N PHE B 70 -12.27 3.08 13.01
CA PHE B 70 -11.19 3.56 12.17
C PHE B 70 -11.69 4.68 11.28
N PRO B 71 -10.82 5.69 11.02
CA PRO B 71 -11.27 6.84 10.24
C PRO B 71 -11.34 6.55 8.75
N GLY B 72 -12.31 7.19 8.10
CA GLY B 72 -12.36 7.27 6.65
C GLY B 72 -11.36 8.33 6.22
N PRO B 73 -10.96 8.31 4.93
CA PRO B 73 -9.93 9.23 4.48
C PRO B 73 -10.39 10.69 4.51
N LYS B 74 -11.68 10.96 4.29
CA LYS B 74 -12.15 12.35 4.34
C LYS B 74 -11.99 12.90 5.75
N GLU B 75 -12.53 12.18 6.73
CA GLU B 75 -12.49 12.67 8.11
C GLU B 75 -11.06 12.78 8.61
N LEU B 76 -10.22 11.81 8.24
CA LEU B 76 -8.79 11.87 8.58
C LEU B 76 -8.16 13.19 8.07
N LYS B 77 -8.31 13.44 6.78
CA LYS B 77 -7.72 14.63 6.15
C LYS B 77 -8.26 15.89 6.79
N GLN B 78 -9.58 15.96 7.03
CA GLN B 78 -10.16 17.17 7.62
C GLN B 78 -9.69 17.42 9.05
N ARG B 79 -9.55 16.34 9.83
CA ARG B 79 -9.04 16.49 11.20
C ARG B 79 -7.64 17.06 11.21
N ILE B 80 -6.79 16.58 10.30
CA ILE B 80 -5.43 17.07 10.22
C ILE B 80 -5.43 18.53 9.77
N ARG B 81 -6.19 18.80 8.71
CA ARG B 81 -6.29 20.18 8.20
C ARG B 81 -6.76 21.10 9.33
N ASP B 82 -7.77 20.69 10.10
CA ASP B 82 -8.35 21.55 11.14
C ASP B 82 -7.32 21.90 12.18
N LEU B 83 -6.49 20.93 12.52
CA LEU B 83 -5.44 21.18 13.47
C LEU B 83 -4.32 22.06 12.92
N ILE B 84 -4.00 21.96 11.63
CA ILE B 84 -2.89 22.77 11.08
C ILE B 84 -3.30 24.15 10.54
N ASP B 85 -4.35 24.23 9.73
CA ASP B 85 -4.95 25.53 9.43
C ASP B 85 -6.37 25.35 8.97
N PRO B 86 -7.32 25.56 9.89
CA PRO B 86 -8.74 25.35 9.57
C PRO B 86 -9.25 26.21 8.39
N GLU B 87 -8.52 27.26 8.03
N GLU B 87 -8.52 27.27 8.05
CA GLU B 87 -8.88 28.13 6.93
CA GLU B 87 -8.86 28.14 6.92
C GLU B 87 -8.37 27.64 5.58
C GLU B 87 -8.50 27.51 5.58
N ARG B 88 -7.53 26.60 5.60
CA ARG B 88 -7.01 25.99 4.37
C ARG B 88 -8.08 25.15 3.71
N ASP B 89 -8.43 25.46 2.47
CA ASP B 89 -9.42 24.70 1.70
C ASP B 89 -8.77 23.44 1.10
N LEU B 90 -9.52 22.34 1.04
CA LEU B 90 -9.00 21.08 0.53
C LEU B 90 -9.65 20.65 -0.80
N GLY B 91 -10.47 21.52 -1.39
CA GLY B 91 -11.21 21.21 -2.62
C GLY B 91 -12.08 19.99 -2.45
N HIS B 92 -11.64 18.87 -3.04
CA HIS B 92 -12.01 17.47 -2.64
C HIS B 92 -13.47 17.01 -2.80
N GLU C 5 -16.31 -25.25 -7.41
CA GLU C 5 -14.84 -25.21 -7.15
C GLU C 5 -14.10 -24.01 -7.80
N THR C 6 -14.67 -23.39 -8.83
CA THR C 6 -14.10 -22.12 -9.36
C THR C 6 -14.14 -21.01 -8.29
N LYS C 7 -13.03 -20.30 -8.13
CA LYS C 7 -12.89 -19.28 -7.09
C LYS C 7 -13.40 -17.92 -7.56
N PRO C 8 -14.10 -17.21 -6.66
CA PRO C 8 -14.67 -15.89 -6.94
C PRO C 8 -13.66 -14.88 -7.48
N ARG C 9 -14.11 -14.03 -8.39
N ARG C 9 -14.11 -14.05 -8.42
CA ARG C 9 -13.26 -12.95 -8.92
CA ARG C 9 -13.33 -12.93 -8.92
C ARG C 9 -13.81 -11.60 -8.47
C ARG C 9 -13.89 -11.68 -8.29
N ILE C 10 -13.02 -10.88 -7.68
CA ILE C 10 -13.45 -9.63 -7.08
C ILE C 10 -12.92 -8.46 -7.91
N ALA C 11 -13.75 -7.45 -8.15
CA ALA C 11 -13.36 -6.29 -8.93
C ALA C 11 -13.61 -5.02 -8.12
N ILE C 12 -12.62 -4.12 -8.12
CA ILE C 12 -12.77 -2.80 -7.53
C ILE C 12 -12.63 -1.75 -8.62
N ARG C 13 -13.77 -1.15 -8.95
CA ARG C 13 -13.81 -0.04 -9.93
C ARG C 13 -13.75 1.27 -9.16
N TYR C 14 -12.84 2.14 -9.54
CA TYR C 14 -12.56 3.37 -8.78
C TYR C 14 -12.32 4.54 -9.71
N CYS C 15 -12.76 5.72 -9.28
CA CYS C 15 -12.53 6.94 -10.03
C CYS C 15 -11.06 7.35 -10.01
N THR C 16 -10.44 7.35 -11.19
CA THR C 16 -9.04 7.71 -11.33
C THR C 16 -8.82 9.16 -10.90
N GLN C 17 -9.69 10.05 -11.36
CA GLN C 17 -9.54 11.48 -11.09
C GLN C 17 -9.66 11.89 -9.61
N CYS C 18 -10.45 11.13 -8.85
CA CYS C 18 -10.74 11.43 -7.46
C CYS C 18 -9.59 11.04 -6.54
N ASN C 19 -8.49 10.57 -7.13
CA ASN C 19 -7.36 9.98 -6.40
C ASN C 19 -7.81 8.85 -5.49
N TRP C 20 -8.68 7.96 -5.98
CA TRP C 20 -9.14 6.84 -5.18
C TRP C 20 -8.33 5.55 -5.38
N LEU C 21 -7.22 5.64 -6.10
CA LEU C 21 -6.34 4.46 -6.30
C LEU C 21 -5.79 3.93 -4.96
N LEU C 22 -5.32 4.84 -4.11
CA LEU C 22 -4.75 4.44 -2.81
C LEU C 22 -5.72 3.61 -1.97
N ARG C 23 -6.95 4.10 -1.78
CA ARG C 23 -7.94 3.35 -1.02
C ARG C 23 -8.37 2.05 -1.72
N ALA C 24 -8.42 2.07 -3.06
CA ALA C 24 -8.75 0.84 -3.79
C ALA C 24 -7.67 -0.27 -3.62
N GLY C 25 -6.41 0.10 -3.81
CA GLY C 25 -5.23 -0.76 -3.58
C GLY C 25 -5.21 -1.30 -2.15
N TRP C 26 -5.48 -0.45 -1.16
CA TRP C 26 -5.55 -0.86 0.25
C TRP C 26 -6.63 -1.93 0.47
N MSE C 27 -7.85 -1.67 0.00
CA MSE C 27 -8.92 -2.66 0.09
C MSE C 27 -8.58 -3.99 -0.60
O MSE C 27 -8.87 -5.07 -0.05
CB MSE C 27 -10.22 -2.10 -0.47
CG MSE C 27 -10.81 -1.07 0.46
SE MSE C 27 -12.30 -0.12 -0.30
CE MSE C 27 -12.28 1.40 0.97
N ALA C 28 -7.97 -3.92 -1.79
CA ALA C 28 -7.51 -5.15 -2.48
C ALA C 28 -6.59 -5.95 -1.57
N GLN C 29 -5.65 -5.27 -0.91
N GLN C 29 -5.65 -5.25 -0.92
CA GLN C 29 -4.73 -5.97 0.00
CA GLN C 29 -4.71 -5.85 0.04
C GLN C 29 -5.43 -6.49 1.26
C GLN C 29 -5.43 -6.48 1.23
N GLU C 30 -6.33 -5.72 1.84
CA GLU C 30 -7.13 -6.22 3.01
C GLU C 30 -7.89 -7.50 2.64
N ILE C 31 -8.49 -7.49 1.45
CA ILE C 31 -9.25 -8.63 0.96
C ILE C 31 -8.35 -9.87 0.77
N LEU C 32 -7.21 -9.70 0.09
CA LEU C 32 -6.29 -10.81 -0.18
C LEU C 32 -5.53 -11.32 1.05
N GLN C 33 -5.29 -10.44 2.01
N GLN C 33 -5.30 -10.44 2.03
CA GLN C 33 -4.72 -10.85 3.31
CA GLN C 33 -4.70 -10.86 3.30
C GLN C 33 -5.70 -11.82 4.00
C GLN C 33 -5.67 -11.73 4.12
N THR C 34 -6.97 -11.42 4.05
CA THR C 34 -7.99 -12.18 4.78
C THR C 34 -8.48 -13.43 4.02
N PHE C 35 -8.68 -13.32 2.71
CA PHE C 35 -9.28 -14.42 1.97
C PHE C 35 -8.34 -15.03 0.96
N ALA C 36 -7.03 -14.94 1.23
CA ALA C 36 -6.01 -15.30 0.25
C ALA C 36 -6.44 -16.54 -0.49
N SER C 37 -6.77 -17.56 0.30
CA SER C 37 -7.05 -18.92 -0.16
C SER C 37 -8.27 -19.01 -1.04
N ASP C 38 -9.33 -18.33 -0.61
CA ASP C 38 -10.66 -18.55 -1.11
C ASP C 38 -11.05 -17.72 -2.34
N ILE C 39 -10.24 -16.75 -2.72
CA ILE C 39 -10.60 -15.94 -3.89
C ILE C 39 -9.63 -16.15 -5.04
N GLY C 40 -10.14 -16.01 -6.27
CA GLY C 40 -9.35 -16.24 -7.44
C GLY C 40 -8.47 -15.04 -7.82
N GLU C 41 -9.03 -13.84 -7.70
CA GLU C 41 -8.31 -12.61 -8.00
C GLU C 41 -9.03 -11.41 -7.45
N VAL C 42 -8.28 -10.33 -7.27
CA VAL C 42 -8.83 -9.00 -7.06
C VAL C 42 -8.30 -8.10 -8.17
N SER C 43 -9.23 -7.53 -8.91
CA SER C 43 -8.93 -6.67 -10.05
C SER C 43 -9.20 -5.24 -9.64
N LEU C 44 -8.24 -4.38 -9.91
CA LEU C 44 -8.39 -2.94 -9.78
C LEU C 44 -8.63 -2.35 -11.17
N ILE C 45 -9.76 -1.66 -11.33
CA ILE C 45 -10.20 -1.15 -12.63
C ILE C 45 -10.38 0.39 -12.61
N PRO C 46 -9.47 1.13 -13.28
CA PRO C 46 -9.57 2.60 -13.29
C PRO C 46 -10.87 2.95 -13.98
N SER C 47 -11.66 3.85 -13.38
CA SER C 47 -13.03 4.09 -13.84
C SER C 47 -13.32 5.60 -13.89
N THR C 48 -14.50 5.94 -14.42
CA THR C 48 -14.83 7.37 -14.66
C THR C 48 -15.53 8.01 -13.47
N GLY C 49 -16.10 9.20 -13.71
CA GLY C 49 -16.64 10.06 -12.67
C GLY C 49 -17.28 9.42 -11.45
N GLY C 50 -16.65 9.64 -10.30
CA GLY C 50 -17.24 9.33 -8.99
C GLY C 50 -17.60 7.89 -8.71
N LEU C 51 -17.20 6.97 -9.60
CA LEU C 51 -17.49 5.57 -9.33
C LEU C 51 -16.53 4.99 -8.28
N PHE C 52 -17.11 4.26 -7.34
CA PHE C 52 -16.41 3.33 -6.48
C PHE C 52 -17.37 2.19 -6.23
N GLU C 53 -17.05 1.04 -6.78
CA GLU C 53 -17.93 -0.11 -6.72
C GLU C 53 -17.14 -1.42 -6.60
N ILE C 54 -17.54 -2.26 -5.67
CA ILE C 54 -16.90 -3.56 -5.47
C ILE C 54 -17.89 -4.66 -5.76
N THR C 55 -17.46 -5.61 -6.59
CA THR C 55 -18.29 -6.72 -7.02
C THR C 55 -17.59 -8.05 -6.77
N VAL C 56 -18.38 -9.06 -6.44
CA VAL C 56 -17.89 -10.43 -6.29
C VAL C 56 -18.58 -11.23 -7.39
N ASP C 57 -17.80 -11.73 -8.34
CA ASP C 57 -18.37 -12.36 -9.55
C ASP C 57 -19.60 -11.61 -10.07
N GLY C 58 -19.43 -10.34 -10.42
CA GLY C 58 -20.55 -9.55 -10.92
C GLY C 58 -21.55 -9.04 -9.88
N THR C 59 -21.65 -9.70 -8.73
CA THR C 59 -22.57 -9.25 -7.67
C THR C 59 -22.02 -8.04 -6.90
N ILE C 60 -22.75 -6.91 -6.93
CA ILE C 60 -22.33 -5.69 -6.22
C ILE C 60 -22.43 -5.83 -4.70
N ILE C 61 -21.33 -5.59 -3.99
CA ILE C 61 -21.34 -5.65 -2.53
C ILE C 61 -21.08 -4.26 -1.94
N TRP C 62 -20.60 -3.35 -2.77
CA TRP C 62 -20.46 -1.96 -2.36
C TRP C 62 -20.53 -1.00 -3.53
N GLU C 63 -21.34 0.03 -3.37
CA GLU C 63 -21.35 1.13 -4.32
C GLU C 63 -21.44 2.43 -3.52
N ARG C 64 -20.64 3.42 -3.94
CA ARG C 64 -20.44 4.66 -3.18
C ARG C 64 -21.72 5.44 -2.83
N LYS C 65 -22.56 5.70 -3.84
CA LYS C 65 -23.83 6.41 -3.63
C LYS C 65 -24.79 5.63 -2.72
N ARG C 66 -25.08 4.37 -3.08
N ARG C 66 -25.14 4.40 -3.11
CA ARG C 66 -26.08 3.54 -2.40
CA ARG C 66 -26.07 3.57 -2.35
C ARG C 66 -25.72 3.07 -0.98
C ARG C 66 -25.66 3.41 -0.89
N ASP C 67 -24.42 2.96 -0.70
CA ASP C 67 -23.95 2.55 0.64
C ASP C 67 -23.40 3.72 1.44
N GLY C 68 -23.39 4.90 0.81
CA GLY C 68 -23.12 6.14 1.50
C GLY C 68 -21.66 6.38 1.82
N GLY C 69 -20.81 6.10 0.86
CA GLY C 69 -19.39 6.39 1.01
C GLY C 69 -18.48 5.21 0.67
N PHE C 70 -17.56 4.95 1.59
CA PHE C 70 -16.53 3.94 1.44
C PHE C 70 -16.53 2.99 2.64
N PRO C 71 -16.29 1.70 2.41
CA PRO C 71 -16.37 0.74 3.50
C PRO C 71 -15.14 0.75 4.42
N GLY C 72 -15.39 0.47 5.70
CA GLY C 72 -14.34 0.12 6.66
C GLY C 72 -13.98 -1.34 6.42
N PRO C 73 -12.80 -1.76 6.87
CA PRO C 73 -12.35 -3.10 6.49
C PRO C 73 -13.21 -4.24 7.06
N LYS C 74 -13.79 -4.05 8.26
CA LYS C 74 -14.64 -5.08 8.85
C LYS C 74 -15.92 -5.34 8.04
N GLU C 75 -16.63 -4.28 7.68
N GLU C 75 -16.64 -4.27 7.75
CA GLU C 75 -17.86 -4.40 6.88
CA GLU C 75 -17.80 -4.30 6.88
C GLU C 75 -17.63 -4.82 5.42
C GLU C 75 -17.43 -5.10 5.62
N LEU C 76 -16.42 -4.60 4.90
CA LEU C 76 -15.99 -5.16 3.62
C LEU C 76 -15.78 -6.68 3.71
N LYS C 77 -14.92 -7.12 4.63
CA LYS C 77 -14.66 -8.57 4.81
C LYS C 77 -15.95 -9.36 5.14
N GLN C 78 -16.83 -8.77 5.96
N GLN C 78 -16.82 -8.77 5.97
CA GLN C 78 -18.11 -9.40 6.33
CA GLN C 78 -18.13 -9.36 6.35
C GLN C 78 -19.01 -9.59 5.10
C GLN C 78 -18.99 -9.59 5.10
N ARG C 79 -19.19 -8.54 4.30
CA ARG C 79 -19.98 -8.64 3.05
C ARG C 79 -19.44 -9.66 2.02
N ILE C 80 -18.11 -9.77 1.91
CA ILE C 80 -17.50 -10.81 1.06
C ILE C 80 -17.72 -12.19 1.67
N ARG C 81 -17.37 -12.33 2.95
CA ARG C 81 -17.59 -13.55 3.72
C ARG C 81 -19.02 -14.06 3.52
N ASP C 82 -20.00 -13.18 3.71
CA ASP C 82 -21.42 -13.55 3.51
C ASP C 82 -21.70 -14.11 2.12
N LEU C 83 -21.10 -13.51 1.09
CA LEU C 83 -21.32 -13.97 -0.28
C LEU C 83 -20.55 -15.23 -0.65
N ILE C 84 -19.27 -15.29 -0.30
CA ILE C 84 -18.43 -16.40 -0.72
C ILE C 84 -18.38 -17.55 0.29
N ASP C 85 -18.81 -17.26 1.53
CA ASP C 85 -18.67 -18.22 2.63
C ASP C 85 -19.78 -18.13 3.67
N THR D 4 -3.67 -5.67 -30.46
CA THR D 4 -4.78 -5.69 -29.46
C THR D 4 -5.45 -4.33 -29.42
N GLU D 5 -6.79 -4.32 -29.45
CA GLU D 5 -7.55 -3.06 -29.48
C GLU D 5 -8.35 -2.74 -28.20
N THR D 6 -8.34 -3.66 -27.24
CA THR D 6 -8.90 -3.40 -25.92
C THR D 6 -7.79 -2.84 -25.03
N LYS D 7 -8.17 -2.19 -23.93
CA LYS D 7 -7.19 -1.66 -22.97
C LYS D 7 -6.48 -2.85 -22.32
N PRO D 8 -5.15 -2.75 -22.12
CA PRO D 8 -4.40 -3.89 -21.60
C PRO D 8 -4.92 -4.41 -20.26
N ARG D 9 -4.94 -5.73 -20.13
CA ARG D 9 -5.28 -6.40 -18.88
C ARG D 9 -3.96 -6.86 -18.30
N ILE D 10 -3.62 -6.36 -17.12
CA ILE D 10 -2.39 -6.71 -16.48
C ILE D 10 -2.65 -7.64 -15.28
N ALA D 11 -1.82 -8.67 -15.13
CA ALA D 11 -2.02 -9.65 -14.05
C ALA D 11 -0.73 -9.96 -13.32
N ILE D 12 -0.81 -9.94 -12.00
CA ILE D 12 0.34 -10.17 -11.16
C ILE D 12 0.00 -11.43 -10.34
N ARG D 13 0.61 -12.55 -10.71
CA ARG D 13 0.43 -13.78 -9.95
C ARG D 13 1.54 -13.86 -8.90
N TYR D 14 1.19 -14.01 -7.65
CA TYR D 14 2.20 -13.92 -6.56
C TYR D 14 2.04 -15.05 -5.54
N CYS D 15 3.14 -15.55 -5.02
CA CYS D 15 3.05 -16.60 -3.99
C CYS D 15 2.48 -16.04 -2.67
N THR D 16 1.31 -16.53 -2.27
CA THR D 16 0.63 -16.02 -1.06
C THR D 16 1.31 -16.39 0.26
N GLN D 17 1.80 -17.62 0.35
N GLN D 17 1.79 -17.62 0.35
CA GLN D 17 2.54 -18.11 1.52
CA GLN D 17 2.52 -18.09 1.53
C GLN D 17 3.95 -17.51 1.68
C GLN D 17 3.84 -17.32 1.73
N CYS D 18 4.45 -16.84 0.63
CA CYS D 18 5.75 -16.13 0.68
C CYS D 18 5.68 -14.69 1.16
N ASN D 19 4.48 -14.23 1.52
CA ASN D 19 4.27 -12.85 1.90
C ASN D 19 4.73 -11.88 0.78
N TRP D 20 4.32 -12.20 -0.46
CA TRP D 20 4.60 -11.33 -1.61
C TRP D 20 3.41 -10.44 -1.97
N LEU D 21 2.35 -10.50 -1.18
CA LEU D 21 1.19 -9.64 -1.38
C LEU D 21 1.60 -8.17 -1.37
N LEU D 22 2.37 -7.76 -0.37
CA LEU D 22 2.85 -6.38 -0.26
C LEU D 22 3.47 -5.86 -1.56
N ARG D 23 4.45 -6.59 -2.09
CA ARG D 23 5.17 -6.15 -3.28
C ARG D 23 4.30 -6.21 -4.54
N ALA D 24 3.34 -7.15 -4.58
CA ALA D 24 2.41 -7.23 -5.73
C ALA D 24 1.43 -6.03 -5.76
N GLY D 25 0.88 -5.71 -4.58
CA GLY D 25 -0.05 -4.59 -4.41
C GLY D 25 0.66 -3.27 -4.72
N TRP D 26 1.90 -3.14 -4.25
CA TRP D 26 2.77 -1.99 -4.61
C TRP D 26 2.98 -1.83 -6.12
N MSE D 27 3.37 -2.91 -6.80
CA MSE D 27 3.56 -2.82 -8.25
C MSE D 27 2.26 -2.46 -8.99
O MSE D 27 2.27 -1.64 -9.92
CB MSE D 27 4.16 -4.11 -8.80
CG MSE D 27 5.56 -4.32 -8.35
SE MSE D 27 6.11 -6.10 -8.83
CE MSE D 27 7.56 -6.33 -7.55
N ALA D 28 1.14 -3.07 -8.58
CA ALA D 28 -0.19 -2.70 -9.07
C ALA D 28 -0.46 -1.20 -8.96
N GLN D 29 -0.24 -0.64 -7.77
CA GLN D 29 -0.37 0.81 -7.62
C GLN D 29 0.62 1.63 -8.47
N GLU D 30 1.89 1.19 -8.58
CA GLU D 30 2.85 1.92 -9.44
C GLU D 30 2.32 1.97 -10.88
N ILE D 31 1.81 0.83 -11.35
CA ILE D 31 1.34 0.69 -12.72
C ILE D 31 0.16 1.61 -12.94
N LEU D 32 -0.81 1.56 -12.03
CA LEU D 32 -2.03 2.34 -12.17
C LEU D 32 -1.85 3.83 -11.98
N GLN D 33 -0.91 4.20 -11.11
CA GLN D 33 -0.58 5.60 -10.92
C GLN D 33 0.00 6.18 -12.22
N THR D 34 0.92 5.45 -12.85
CA THR D 34 1.56 5.91 -14.07
C THR D 34 0.59 5.91 -15.25
N PHE D 35 -0.06 4.77 -15.52
CA PHE D 35 -0.82 4.60 -16.75
C PHE D 35 -2.27 4.97 -16.63
N ALA D 36 -2.80 4.86 -15.41
CA ALA D 36 -4.18 5.23 -15.12
C ALA D 36 -5.15 4.58 -16.13
N SER D 37 -6.06 5.39 -16.70
CA SER D 37 -7.08 4.86 -17.61
C SER D 37 -6.59 4.27 -18.94
N ASP D 38 -5.30 4.43 -19.27
CA ASP D 38 -4.69 3.67 -20.38
C ASP D 38 -4.55 2.15 -20.09
N ILE D 39 -4.78 1.75 -18.83
CA ILE D 39 -4.83 0.32 -18.44
C ILE D 39 -6.29 -0.03 -18.25
N GLY D 40 -6.68 -1.22 -18.75
CA GLY D 40 -8.02 -1.73 -18.48
C GLY D 40 -8.16 -2.21 -17.03
N GLU D 41 -7.22 -3.02 -16.58
CA GLU D 41 -7.24 -3.52 -15.19
C GLU D 41 -5.89 -4.05 -14.80
N VAL D 42 -5.65 -4.08 -13.48
CA VAL D 42 -4.52 -4.83 -12.92
C VAL D 42 -5.15 -5.82 -11.93
N SER D 43 -4.88 -7.12 -12.17
CA SER D 43 -5.43 -8.23 -11.40
C SER D 43 -4.34 -8.79 -10.49
N LEU D 44 -4.68 -8.96 -9.22
CA LEU D 44 -3.77 -9.56 -8.26
C LEU D 44 -4.26 -10.99 -8.01
N ILE D 45 -3.41 -11.98 -8.28
CA ILE D 45 -3.86 -13.38 -8.35
C ILE D 45 -3.08 -14.25 -7.37
N PRO D 46 -3.72 -14.61 -6.25
CA PRO D 46 -3.07 -15.45 -5.25
C PRO D 46 -2.62 -16.76 -5.88
N SER D 47 -1.33 -17.06 -5.70
CA SER D 47 -0.74 -18.24 -6.28
C SER D 47 0.04 -19.04 -5.24
N THR D 48 0.57 -20.17 -5.68
CA THR D 48 1.32 -21.03 -4.79
C THR D 48 2.68 -21.32 -5.39
N GLY D 49 3.58 -21.79 -4.54
CA GLY D 49 4.85 -22.36 -4.98
C GLY D 49 5.85 -21.41 -5.61
N GLY D 50 6.13 -20.31 -4.91
CA GLY D 50 7.21 -19.40 -5.27
C GLY D 50 7.02 -18.70 -6.59
N LEU D 51 5.79 -18.68 -7.09
CA LEU D 51 5.49 -18.04 -8.36
C LEU D 51 5.44 -16.51 -8.19
N PHE D 52 6.09 -15.80 -9.10
CA PHE D 52 5.87 -14.37 -9.25
C PHE D 52 5.95 -14.06 -10.72
N GLU D 53 4.79 -13.78 -11.28
CA GLU D 53 4.67 -13.63 -12.69
C GLU D 53 3.77 -12.45 -13.07
N ILE D 54 4.26 -11.64 -14.00
CA ILE D 54 3.48 -10.49 -14.51
C ILE D 54 3.23 -10.65 -16.00
N THR D 55 1.97 -10.64 -16.37
CA THR D 55 1.54 -10.73 -17.77
C THR D 55 0.78 -9.48 -18.21
N VAL D 56 0.83 -9.22 -19.51
CA VAL D 56 0.01 -8.21 -20.16
C VAL D 56 -0.80 -8.93 -21.26
N ASP D 57 -2.13 -8.92 -21.10
CA ASP D 57 -3.04 -9.63 -22.01
C ASP D 57 -2.54 -11.08 -22.22
N GLY D 58 -1.98 -11.68 -21.16
CA GLY D 58 -1.48 -13.05 -21.22
C GLY D 58 -0.05 -13.26 -21.67
N THR D 59 0.62 -12.19 -22.13
CA THR D 59 2.03 -12.28 -22.48
C THR D 59 2.90 -11.97 -21.27
N ILE D 60 3.78 -12.91 -20.91
CA ILE D 60 4.69 -12.74 -19.77
C ILE D 60 5.66 -11.60 -20.05
N ILE D 61 5.71 -10.63 -19.14
CA ILE D 61 6.75 -9.59 -19.19
C ILE D 61 7.68 -9.70 -17.97
N TRP D 62 7.30 -10.49 -16.97
CA TRP D 62 8.21 -10.75 -15.86
C TRP D 62 7.91 -12.09 -15.23
N GLU D 63 8.97 -12.82 -14.89
CA GLU D 63 8.85 -14.07 -14.13
C GLU D 63 10.11 -14.20 -13.25
N ARG D 64 9.89 -14.56 -11.99
CA ARG D 64 10.90 -14.49 -10.94
C ARG D 64 12.21 -15.22 -11.31
N LYS D 65 12.08 -16.48 -11.73
N LYS D 65 12.08 -16.50 -11.68
CA LYS D 65 13.24 -17.33 -12.00
CA LYS D 65 13.21 -17.35 -12.03
C LYS D 65 14.00 -17.01 -13.28
C LYS D 65 14.02 -16.74 -13.17
N ARG D 66 13.31 -16.50 -14.30
N ARG D 66 13.44 -16.72 -14.37
CA ARG D 66 13.97 -16.21 -15.57
CA ARG D 66 14.11 -16.21 -15.55
C ARG D 66 14.48 -14.76 -15.66
C ARG D 66 14.73 -14.84 -15.32
N ASP D 67 13.94 -13.89 -14.81
CA ASP D 67 14.37 -12.50 -14.74
C ASP D 67 15.17 -12.17 -13.49
N GLY D 68 15.38 -13.17 -12.65
CA GLY D 68 16.32 -13.04 -11.52
C GLY D 68 15.82 -12.27 -10.32
N GLY D 69 14.53 -12.39 -10.03
CA GLY D 69 13.96 -11.78 -8.84
C GLY D 69 12.71 -10.97 -9.16
N PHE D 70 12.70 -9.73 -8.72
CA PHE D 70 11.51 -8.88 -8.76
C PHE D 70 11.87 -7.56 -9.40
N PRO D 71 10.94 -6.99 -10.20
CA PRO D 71 11.28 -5.77 -10.94
C PRO D 71 11.30 -4.51 -10.09
N GLY D 72 12.16 -3.57 -10.47
CA GLY D 72 12.13 -2.21 -9.96
C GLY D 72 11.06 -1.46 -10.74
N PRO D 73 10.59 -0.33 -10.20
CA PRO D 73 9.49 0.36 -10.90
C PRO D 73 9.87 0.83 -12.32
N LYS D 74 11.10 1.27 -12.52
CA LYS D 74 11.48 1.82 -13.82
C LYS D 74 11.35 0.76 -14.93
N GLU D 75 11.94 -0.40 -14.70
CA GLU D 75 11.88 -1.48 -15.69
C GLU D 75 10.48 -2.10 -15.88
N LEU D 76 9.71 -2.22 -14.80
CA LEU D 76 8.34 -2.71 -14.87
C LEU D 76 7.51 -1.89 -15.87
N LYS D 77 7.53 -0.57 -15.67
N LYS D 77 7.51 -0.57 -15.69
CA LYS D 77 6.74 0.35 -16.48
CA LYS D 77 6.66 0.28 -16.52
C LYS D 77 7.14 0.34 -17.95
C LYS D 77 7.14 0.42 -17.98
N GLN D 78 8.44 0.24 -18.20
CA GLN D 78 9.00 0.26 -19.56
C GLN D 78 8.58 -0.96 -20.36
N ARG D 79 8.67 -2.13 -19.74
CA ARG D 79 8.23 -3.39 -20.37
C ARG D 79 6.75 -3.36 -20.74
N ILE D 80 5.95 -2.66 -19.93
CA ILE D 80 4.54 -2.45 -20.21
C ILE D 80 4.40 -1.47 -21.38
N ARG D 81 5.12 -0.36 -21.28
CA ARG D 81 5.18 0.66 -22.33
C ARG D 81 5.57 0.03 -23.67
N ASP D 82 6.63 -0.78 -23.68
CA ASP D 82 7.07 -1.49 -24.87
C ASP D 82 5.90 -2.16 -25.62
N LEU D 83 5.14 -3.00 -24.93
CA LEU D 83 3.97 -3.68 -25.50
C LEU D 83 2.85 -2.73 -25.91
N ILE D 84 2.49 -1.79 -25.04
CA ILE D 84 1.39 -0.87 -25.31
C ILE D 84 1.86 0.29 -26.19
#